data_7DM0
#
_entry.id   7DM0
#
_cell.length_a   49.354
_cell.length_b   45.899
_cell.length_c   74.391
_cell.angle_alpha   90.000
_cell.angle_beta   91.920
_cell.angle_gamma   90.000
#
_symmetry.space_group_name_H-M   'P 1 21 1'
#
loop_
_entity.id
_entity.type
_entity.pdbx_description
1 polymer 'Biofilm-associated surface protein'
2 non-polymer 'CALCIUM ION'
3 water water
#
_entity_poly.entity_id   1
_entity_poly.type   'polypeptide(L)'
_entity_poly.pdbx_seq_one_letter_code
;MGSSHHHHHHSSGLVPRGSHMENLYFQGDAPTVNDVTSDATQVTGQAEPNSTVKLTFPDGTTATGTADDQGNYTIDIPSN
VDLNGGEELQVTATDKDGNTSEPSSANVTDTTAPDAPTVNDVTSDATQVTGQAEPNSTVKLTFPDGTTATGTADDQGNYT
IDIPSNVDLNGGEELQVTATDKDGNTSESTNTTII
;
_entity_poly.pdbx_strand_id   A,B
#
loop_
_chem_comp.id
_chem_comp.type
_chem_comp.name
_chem_comp.formula
CA non-polymer 'CALCIUM ION' 'Ca 2'
#
# COMPACT_ATOMS: atom_id res chain seq x y z
N ASP A 29 18.41 36.63 10.14
CA ASP A 29 16.96 36.68 10.30
C ASP A 29 16.26 35.59 9.49
N ALA A 30 17.01 34.64 8.96
CA ALA A 30 16.42 33.63 8.08
C ALA A 30 15.39 32.79 8.82
N PRO A 31 14.21 32.60 8.27
CA PRO A 31 13.17 31.87 9.00
C PRO A 31 13.46 30.38 9.07
N THR A 32 12.91 29.72 10.08
CA THR A 32 12.95 28.27 10.08
C THR A 32 11.80 27.74 9.23
N VAL A 33 11.99 26.53 8.69
CA VAL A 33 10.97 25.88 7.87
C VAL A 33 10.82 24.46 8.41
N ASN A 34 9.63 24.15 8.90
CA ASN A 34 9.38 22.81 9.40
C ASN A 34 9.34 21.82 8.24
N ASP A 35 9.59 20.54 8.56
CA ASP A 35 9.76 19.55 7.50
C ASP A 35 8.47 19.36 6.70
N VAL A 36 8.62 19.30 5.38
CA VAL A 36 7.50 19.23 4.44
C VAL A 36 7.51 17.87 3.77
N THR A 37 6.35 17.21 3.74
CA THR A 37 6.23 15.97 2.98
C THR A 37 5.36 16.18 1.74
N SER A 38 5.42 15.20 0.84
CA SER A 38 4.59 15.19 -0.37
C SER A 38 3.10 15.14 -0.06
N ASP A 39 2.70 14.81 1.17
CA ASP A 39 1.30 14.79 1.56
C ASP A 39 0.88 16.03 2.32
N ALA A 40 1.80 16.96 2.57
CA ALA A 40 1.51 18.17 3.33
C ALA A 40 0.60 19.10 2.54
N THR A 41 -0.19 19.89 3.27
CA THR A 41 -1.07 20.88 2.69
C THR A 41 -0.71 22.29 3.10
N GLN A 42 0.31 22.45 3.91
CA GLN A 42 0.76 23.75 4.38
C GLN A 42 2.24 23.63 4.70
N VAL A 43 2.90 24.78 4.81
CA VAL A 43 4.28 24.89 5.26
C VAL A 43 4.28 25.81 6.48
N THR A 44 4.88 25.36 7.56
CA THR A 44 4.91 26.16 8.77
C THR A 44 6.34 26.39 9.21
N GLY A 45 6.49 27.35 10.12
CA GLY A 45 7.80 27.62 10.66
C GLY A 45 7.78 28.80 11.61
N GLN A 46 8.97 29.33 11.86
CA GLN A 46 9.15 30.50 12.71
C GLN A 46 9.88 31.59 11.97
N ALA A 47 9.46 32.82 12.19
CA ALA A 47 10.09 33.97 11.59
C ALA A 47 9.92 35.14 12.56
N GLU A 48 10.52 36.27 12.21
CA GLU A 48 10.32 37.46 13.03
C GLU A 48 8.84 37.75 13.18
N PRO A 49 8.35 38.06 14.38
CA PRO A 49 6.91 38.29 14.53
C PRO A 49 6.40 39.35 13.56
N ASN A 50 5.25 39.06 12.97
CA ASN A 50 4.52 39.92 12.05
C ASN A 50 5.26 40.20 10.74
N SER A 51 6.31 39.44 10.44
CA SER A 51 6.93 39.52 9.12
C SER A 51 6.06 38.85 8.06
N THR A 52 6.30 39.22 6.80
CA THR A 52 5.67 38.57 5.66
C THR A 52 6.56 37.44 5.18
N VAL A 53 6.09 36.22 5.31
CA VAL A 53 6.85 35.04 4.93
C VAL A 53 6.41 34.64 3.53
N LYS A 54 7.37 34.42 2.64
CA LYS A 54 7.11 34.13 1.23
C LYS A 54 7.71 32.78 0.86
N LEU A 55 6.86 31.89 0.36
CA LEU A 55 7.23 30.55 -0.07
C LEU A 55 7.21 30.52 -1.60
N THR A 56 8.34 30.13 -2.18
CA THR A 56 8.47 30.01 -3.63
C THR A 56 8.62 28.54 -3.96
N PHE A 57 7.77 28.08 -4.90
CA PHE A 57 7.66 26.73 -5.43
C PHE A 57 8.50 26.60 -6.69
N PRO A 58 8.87 25.38 -7.07
CA PRO A 58 9.70 25.21 -8.28
C PRO A 58 9.08 25.78 -9.54
N ASP A 59 7.75 25.81 -9.66
CA ASP A 59 7.11 26.35 -10.86
C ASP A 59 7.05 27.87 -10.89
N GLY A 60 7.66 28.56 -9.92
CA GLY A 60 7.72 30.01 -9.88
C GLY A 60 6.57 30.70 -9.18
N THR A 61 5.48 29.98 -8.89
CA THR A 61 4.41 30.55 -8.09
C THR A 61 4.86 30.76 -6.67
N THR A 62 4.25 31.73 -5.99
CA THR A 62 4.55 32.03 -4.60
C THR A 62 3.28 32.01 -3.77
N ALA A 63 3.47 31.79 -2.48
CA ALA A 63 2.39 31.87 -1.52
C ALA A 63 2.94 32.57 -0.29
N THR A 64 2.11 33.35 0.38
CA THR A 64 2.60 34.15 1.49
C THR A 64 1.77 33.92 2.74
N GLY A 65 2.39 34.21 3.87
CA GLY A 65 1.70 34.19 5.15
C GLY A 65 2.31 35.26 6.03
N THR A 66 1.58 35.62 7.06
CA THR A 66 2.06 36.59 8.05
C THR A 66 2.35 35.85 9.34
N ALA A 67 3.56 36.01 9.86
CA ALA A 67 3.90 35.40 11.13
C ALA A 67 3.14 36.09 12.25
N ASP A 68 2.74 35.33 13.28
CA ASP A 68 1.95 35.88 14.36
C ASP A 68 2.86 36.61 15.36
N ASP A 69 2.28 37.05 16.49
CA ASP A 69 3.05 37.85 17.45
C ASP A 69 4.18 37.07 18.09
N GLN A 70 4.10 35.73 18.08
CA GLN A 70 5.14 34.86 18.61
C GLN A 70 6.09 34.37 17.53
N GLY A 71 5.86 34.76 16.28
CA GLY A 71 6.71 34.37 15.19
C GLY A 71 6.31 33.11 14.47
N ASN A 72 5.16 32.54 14.79
CA ASN A 72 4.72 31.33 14.13
C ASN A 72 4.05 31.71 12.80
N TYR A 73 4.41 31.01 11.72
CA TYR A 73 3.76 31.24 10.44
C TYR A 73 3.24 29.94 9.87
N THR A 74 2.17 30.09 9.10
CA THR A 74 1.57 29.04 8.28
C THR A 74 1.33 29.59 6.87
N ILE A 75 1.71 28.82 5.86
CA ILE A 75 1.48 29.18 4.46
C ILE A 75 0.75 28.02 3.83
N ASP A 76 -0.45 28.26 3.31
CA ASP A 76 -1.21 27.22 2.66
C ASP A 76 -0.59 26.90 1.30
N ILE A 77 -0.43 25.61 1.00
CA ILE A 77 0.05 25.23 -0.34
C ILE A 77 -1.11 25.39 -1.31
N PRO A 78 -0.96 26.17 -2.38
CA PRO A 78 -2.04 26.33 -3.35
C PRO A 78 -2.43 25.00 -3.99
N SER A 79 -3.72 24.85 -4.27
CA SER A 79 -4.21 23.62 -4.88
C SER A 79 -3.56 23.34 -6.23
N ASN A 80 -3.15 24.39 -6.96
CA ASN A 80 -2.54 24.21 -8.27
C ASN A 80 -1.08 23.75 -8.20
N VAL A 81 -0.54 23.54 -6.99
CA VAL A 81 0.81 23.05 -6.78
C VAL A 81 0.75 21.60 -6.29
N ASP A 82 1.38 20.69 -7.04
CA ASP A 82 1.48 19.29 -6.66
C ASP A 82 2.93 18.96 -6.28
N LEU A 83 3.18 18.72 -5.00
CA LEU A 83 4.50 18.28 -4.55
C LEU A 83 4.55 16.75 -4.48
N ASN A 84 5.53 16.16 -5.14
CA ASN A 84 5.68 14.71 -5.18
C ASN A 84 6.84 14.20 -4.35
N GLY A 85 7.72 15.08 -3.90
CA GLY A 85 8.93 14.66 -3.21
C GLY A 85 10.18 15.10 -3.96
N GLY A 86 11.18 15.57 -3.22
CA GLY A 86 12.43 16.00 -3.83
C GLY A 86 12.47 17.46 -4.22
N GLU A 87 11.32 18.11 -4.32
CA GLU A 87 11.30 19.53 -4.63
C GLU A 87 12.03 20.32 -3.56
N GLU A 88 12.68 21.41 -3.99
CA GLU A 88 13.26 22.39 -3.08
C GLU A 88 12.34 23.59 -2.99
N LEU A 89 11.87 23.88 -1.79
CA LEU A 89 11.09 25.08 -1.51
C LEU A 89 11.99 26.13 -0.89
N GLN A 90 11.71 27.39 -1.22
CA GLN A 90 12.46 28.51 -0.65
C GLN A 90 11.52 29.37 0.16
N VAL A 91 11.99 29.82 1.32
CA VAL A 91 11.17 30.63 2.22
C VAL A 91 11.99 31.84 2.66
N THR A 92 11.43 33.03 2.46
CA THR A 92 12.06 34.23 2.98
C THR A 92 11.10 34.94 3.92
N ALA A 93 11.64 35.87 4.71
CA ALA A 93 10.83 36.69 5.59
C ALA A 93 11.19 38.14 5.36
N THR A 94 10.18 38.99 5.30
CA THR A 94 10.38 40.42 5.06
C THR A 94 9.68 41.21 6.16
N ASP A 95 10.42 42.16 6.77
CA ASP A 95 9.84 42.94 7.85
C ASP A 95 9.10 44.15 7.27
N LYS A 96 8.50 44.93 8.16
CA LYS A 96 7.74 46.10 7.74
C LYS A 96 8.62 47.17 7.13
N ASP A 97 9.93 47.08 7.29
CA ASP A 97 10.85 48.06 6.74
C ASP A 97 11.41 47.64 5.39
N GLY A 98 10.91 46.54 4.84
CA GLY A 98 11.35 46.07 3.53
C GLY A 98 12.62 45.27 3.54
N ASN A 99 13.16 44.93 4.70
CA ASN A 99 14.36 44.08 4.77
C ASN A 99 13.95 42.62 4.64
N THR A 100 14.53 41.93 3.68
CA THR A 100 14.20 40.53 3.43
C THR A 100 15.37 39.65 3.86
N SER A 101 15.07 38.61 4.63
CA SER A 101 16.06 37.66 5.10
C SER A 101 16.73 36.93 3.93
N GLU A 102 17.85 36.28 4.25
CA GLU A 102 18.37 35.26 3.33
C GLU A 102 17.35 34.12 3.27
N PRO A 103 17.30 33.39 2.16
CA PRO A 103 16.31 32.32 2.06
C PRO A 103 16.68 31.12 2.90
N SER A 104 15.65 30.43 3.38
CA SER A 104 15.78 29.13 4.00
C SER A 104 15.19 28.09 3.07
N SER A 105 15.77 26.91 3.06
CA SER A 105 15.42 25.87 2.11
C SER A 105 14.76 24.69 2.81
N ALA A 106 13.86 24.03 2.11
CA ALA A 106 13.33 22.76 2.59
C ALA A 106 13.19 21.81 1.42
N ASN A 107 13.53 20.54 1.63
CA ASN A 107 13.35 19.52 0.60
C ASN A 107 12.17 18.66 0.97
N VAL A 108 11.31 18.39 0.01
CA VAL A 108 10.05 17.68 0.27
C VAL A 108 10.34 16.19 0.40
N THR A 109 9.88 15.59 1.50
CA THR A 109 10.05 14.15 1.71
C THR A 109 8.91 13.41 1.02
N ASP A 110 9.25 12.41 0.22
CA ASP A 110 8.25 11.63 -0.49
C ASP A 110 7.66 10.59 0.44
N THR A 111 6.39 10.79 0.85
CA THR A 111 5.63 9.81 1.62
C THR A 111 4.39 9.34 0.87
N THR A 112 4.36 9.54 -0.46
CA THR A 112 3.19 9.20 -1.27
C THR A 112 3.48 7.99 -2.13
N ALA A 113 2.67 6.95 -1.97
CA ALA A 113 2.87 5.75 -2.76
C ALA A 113 2.46 5.98 -4.21
N PRO A 114 3.08 5.24 -5.15
CA PRO A 114 2.59 5.29 -6.54
C PRO A 114 1.16 4.83 -6.65
N ASP A 115 0.53 5.20 -7.75
CA ASP A 115 -0.76 4.61 -8.09
C ASP A 115 -0.60 3.12 -8.31
N ALA A 116 -1.71 2.40 -8.22
CA ALA A 116 -1.72 0.99 -8.54
C ALA A 116 -1.26 0.77 -9.98
N PRO A 117 -0.41 -0.21 -10.24
CA PRO A 117 0.06 -0.44 -11.61
C PRO A 117 -1.03 -1.09 -12.46
N THR A 118 -0.85 -1.00 -13.77
CA THR A 118 -1.66 -1.81 -14.67
C THR A 118 -0.93 -3.12 -14.92
N VAL A 119 -1.69 -4.14 -15.29
CA VAL A 119 -1.13 -5.44 -15.61
C VAL A 119 -1.85 -5.97 -16.84
N ASN A 120 -1.09 -6.28 -17.88
CA ASN A 120 -1.69 -6.85 -19.08
C ASN A 120 -2.12 -8.29 -18.82
N ASP A 121 -3.10 -8.75 -19.58
CA ASP A 121 -3.64 -10.10 -19.41
C ASP A 121 -2.54 -11.16 -19.48
N VAL A 122 -2.65 -12.16 -18.62
CA VAL A 122 -1.64 -13.20 -18.48
C VAL A 122 -2.31 -14.55 -18.74
N THR A 123 -1.82 -15.24 -19.76
CA THR A 123 -2.28 -16.59 -20.06
C THR A 123 -1.40 -17.62 -19.36
N SER A 124 -1.91 -18.86 -19.30
CA SER A 124 -1.12 -19.94 -18.71
C SER A 124 0.13 -20.25 -19.53
N ASP A 125 0.20 -19.79 -20.78
CA ASP A 125 1.37 -20.00 -21.62
C ASP A 125 2.36 -18.85 -21.59
N ALA A 126 2.04 -17.77 -20.87
CA ALA A 126 2.89 -16.58 -20.91
C ALA A 126 4.24 -16.85 -20.27
N THR A 127 5.26 -16.17 -20.79
CA THR A 127 6.60 -16.25 -20.24
C THR A 127 7.00 -14.98 -19.51
N GLN A 128 6.18 -13.93 -19.59
CA GLN A 128 6.46 -12.71 -18.86
C GLN A 128 5.13 -12.02 -18.55
N VAL A 129 5.20 -11.08 -17.62
CA VAL A 129 4.07 -10.23 -17.24
C VAL A 129 4.50 -8.80 -17.53
N THR A 130 3.65 -8.05 -18.22
CA THR A 130 4.00 -6.70 -18.61
C THR A 130 2.92 -5.73 -18.18
N GLY A 131 3.30 -4.47 -18.08
CA GLY A 131 2.32 -3.46 -17.81
C GLY A 131 2.97 -2.11 -17.61
N GLN A 132 2.21 -1.21 -16.98
CA GLN A 132 2.65 0.16 -16.75
C GLN A 132 2.61 0.45 -15.26
N ALA A 133 3.63 1.18 -14.79
CA ALA A 133 3.71 1.59 -13.40
C ALA A 133 4.41 2.94 -13.39
N GLU A 134 4.48 3.54 -12.21
CA GLU A 134 5.18 4.81 -12.07
C GLU A 134 6.63 4.66 -12.55
N PRO A 135 7.13 5.58 -13.36
CA PRO A 135 8.52 5.45 -13.83
C PRO A 135 9.50 5.22 -12.69
N ASN A 136 10.43 4.30 -12.93
CA ASN A 136 11.51 3.93 -12.03
C ASN A 136 11.05 3.23 -10.76
N SER A 137 9.77 2.90 -10.64
CA SER A 137 9.32 2.13 -9.49
C SER A 137 9.79 0.67 -9.60
N THR A 138 9.84 0.02 -8.44
CA THR A 138 10.07 -1.43 -8.37
C THR A 138 8.72 -2.11 -8.35
N VAL A 139 8.45 -2.93 -9.36
CA VAL A 139 7.19 -3.61 -9.53
C VAL A 139 7.34 -5.04 -9.04
N LYS A 140 6.46 -5.45 -8.13
CA LYS A 140 6.53 -6.76 -7.50
C LYS A 140 5.29 -7.57 -7.85
N LEU A 141 5.52 -8.71 -8.47
CA LEU A 141 4.50 -9.70 -8.77
C LEU A 141 4.51 -10.79 -7.70
N THR A 142 3.34 -11.05 -7.12
CA THR A 142 3.14 -12.17 -6.21
C THR A 142 2.35 -13.23 -6.96
N PHE A 143 3.01 -14.37 -7.15
CA PHE A 143 2.41 -15.56 -7.74
C PHE A 143 1.43 -16.17 -6.75
N PRO A 144 0.52 -17.03 -7.22
CA PRO A 144 -0.55 -17.52 -6.34
C PRO A 144 -0.07 -18.43 -5.24
N ASP A 145 1.17 -18.94 -5.30
CA ASP A 145 1.74 -19.71 -4.21
C ASP A 145 2.49 -18.85 -3.19
N GLY A 146 2.48 -17.53 -3.36
CA GLY A 146 3.15 -16.64 -2.44
C GLY A 146 4.58 -16.28 -2.80
N THR A 147 5.18 -16.94 -3.79
CA THR A 147 6.50 -16.55 -4.25
C THR A 147 6.39 -15.27 -5.07
N THR A 148 7.53 -14.62 -5.31
CA THR A 148 7.51 -13.30 -5.92
C THR A 148 8.51 -13.21 -7.07
N ALA A 149 8.30 -12.19 -7.90
CA ALA A 149 9.23 -11.83 -8.95
C ALA A 149 9.13 -10.32 -9.10
N THR A 150 10.22 -9.68 -9.51
CA THR A 150 10.23 -8.23 -9.59
C THR A 150 10.77 -7.76 -10.94
N GLY A 151 10.41 -6.53 -11.28
CA GLY A 151 10.97 -5.84 -12.43
C GLY A 151 11.03 -4.37 -12.12
N THR A 152 11.84 -3.65 -12.88
CA THR A 152 11.97 -2.21 -12.69
C THR A 152 11.26 -1.50 -13.83
N ALA A 153 10.40 -0.53 -13.49
CA ALA A 153 9.76 0.27 -14.52
C ALA A 153 10.76 1.24 -15.13
N ASP A 154 10.70 1.38 -16.46
CA ASP A 154 11.67 2.25 -17.12
C ASP A 154 11.19 3.70 -17.03
N ASP A 155 11.86 4.62 -17.74
CA ASP A 155 11.53 6.03 -17.58
C ASP A 155 10.15 6.37 -18.15
N GLN A 156 9.58 5.52 -18.99
CA GLN A 156 8.22 5.67 -19.49
C GLN A 156 7.18 4.90 -18.67
N GLY A 157 7.60 4.21 -17.62
CA GLY A 157 6.70 3.42 -16.80
C GLY A 157 6.42 2.02 -17.28
N ASN A 158 7.09 1.56 -18.32
CA ASN A 158 6.85 0.21 -18.78
C ASN A 158 7.66 -0.75 -17.92
N TYR A 159 7.04 -1.88 -17.55
CA TYR A 159 7.73 -2.94 -16.85
C TYR A 159 7.46 -4.28 -17.53
N THR A 160 8.43 -5.16 -17.36
CA THR A 160 8.38 -6.56 -17.78
C THR A 160 8.99 -7.39 -16.67
N ILE A 161 8.27 -8.43 -16.23
CA ILE A 161 8.72 -9.32 -15.19
C ILE A 161 8.74 -10.71 -15.78
N ASP A 162 9.89 -11.37 -15.75
CA ASP A 162 9.99 -12.69 -16.34
C ASP A 162 9.33 -13.73 -15.45
N ILE A 163 8.53 -14.61 -16.06
CA ILE A 163 7.99 -15.76 -15.38
C ILE A 163 8.97 -16.93 -15.60
N PRO A 164 9.59 -17.46 -14.53
CA PRO A 164 10.47 -18.62 -14.70
C PRO A 164 9.68 -19.80 -15.25
N SER A 165 10.35 -20.59 -16.09
CA SER A 165 9.64 -21.68 -16.76
C SER A 165 9.28 -22.81 -15.79
N ASN A 166 9.84 -22.83 -14.57
CA ASN A 166 9.42 -23.78 -13.56
C ASN A 166 8.32 -23.23 -12.65
N VAL A 167 7.82 -22.03 -12.94
CA VAL A 167 6.63 -21.50 -12.28
C VAL A 167 5.47 -21.78 -13.23
N ASP A 168 4.51 -22.58 -12.77
CA ASP A 168 3.39 -22.99 -13.60
C ASP A 168 2.15 -22.19 -13.21
N LEU A 169 1.70 -21.34 -14.13
CA LEU A 169 0.49 -20.57 -13.92
C LEU A 169 -0.65 -21.31 -14.60
N ASN A 170 -1.77 -21.42 -13.90
CA ASN A 170 -2.92 -22.17 -14.37
C ASN A 170 -4.12 -21.25 -14.40
N GLY A 171 -4.98 -21.48 -15.40
CA GLY A 171 -6.19 -20.70 -15.56
C GLY A 171 -6.97 -20.63 -14.27
N GLY A 172 -7.39 -19.42 -13.90
CA GLY A 172 -8.16 -19.22 -12.70
C GLY A 172 -7.35 -18.84 -11.48
N GLU A 173 -6.03 -19.01 -11.50
CA GLU A 173 -5.20 -18.55 -10.41
C GLU A 173 -5.07 -17.03 -10.46
N GLU A 174 -4.89 -16.41 -9.29
CA GLU A 174 -4.79 -14.97 -9.19
C GLU A 174 -3.34 -14.50 -9.09
N LEU A 175 -3.04 -13.39 -9.77
CA LEU A 175 -1.76 -12.70 -9.67
C LEU A 175 -1.99 -11.36 -9.00
N GLN A 176 -0.96 -10.88 -8.29
CA GLN A 176 -1.08 -9.59 -7.64
C GLN A 176 0.19 -8.77 -7.92
N VAL A 177 0.02 -7.48 -8.23
CA VAL A 177 1.15 -6.62 -8.58
C VAL A 177 1.08 -5.34 -7.76
N THR A 178 2.23 -4.91 -7.24
CA THR A 178 2.36 -3.59 -6.61
C THR A 178 3.55 -2.84 -7.20
N ALA A 179 3.58 -1.52 -7.00
CA ALA A 179 4.70 -0.68 -7.42
C ALA A 179 5.19 0.14 -6.23
N THR A 180 6.50 0.17 -6.02
CA THR A 180 7.10 0.82 -4.86
C THR A 180 8.11 1.86 -5.33
N ASP A 181 8.05 3.07 -4.77
CA ASP A 181 8.99 4.09 -5.21
C ASP A 181 10.32 3.94 -4.46
N LYS A 182 11.29 4.80 -4.78
CA LYS A 182 12.63 4.67 -4.20
C LYS A 182 12.65 4.94 -2.70
N ASP A 183 11.64 5.61 -2.17
CA ASP A 183 11.59 5.86 -0.74
C ASP A 183 10.79 4.81 0.01
N GLY A 184 10.42 3.73 -0.66
CA GLY A 184 9.76 2.62 -0.01
C GLY A 184 8.26 2.72 0.11
N ASN A 185 7.63 3.71 -0.52
CA ASN A 185 6.17 3.80 -0.48
C ASN A 185 5.58 2.84 -1.51
N THR A 186 4.73 1.92 -1.06
CA THR A 186 4.19 0.86 -1.91
C THR A 186 2.72 1.14 -2.25
N SER A 187 2.41 1.08 -3.54
CA SER A 187 1.07 1.24 -4.08
C SER A 187 0.08 0.20 -3.56
N GLU A 188 -1.21 0.54 -3.66
CA GLU A 188 -2.27 -0.44 -3.67
C GLU A 188 -2.00 -1.50 -4.72
N SER A 189 -2.52 -2.71 -4.47
CA SER A 189 -2.29 -3.80 -5.40
C SER A 189 -3.27 -3.78 -6.57
N THR A 190 -2.85 -4.41 -7.66
CA THR A 190 -3.70 -4.71 -8.80
C THR A 190 -3.71 -6.23 -9.00
N ASN A 191 -4.90 -6.80 -9.14
CA ASN A 191 -5.02 -8.23 -9.34
C ASN A 191 -5.38 -8.54 -10.79
N THR A 192 -4.95 -9.71 -11.24
CA THR A 192 -5.47 -10.23 -12.50
C THR A 192 -5.53 -11.74 -12.44
N THR A 193 -6.47 -12.32 -13.18
CA THR A 193 -6.68 -13.77 -13.18
C THR A 193 -6.07 -14.41 -14.41
N ILE A 194 -5.25 -15.46 -14.20
CA ILE A 194 -4.66 -16.18 -15.32
C ILE A 194 -5.74 -16.73 -16.24
N ILE A 195 -5.52 -16.56 -17.55
CA ILE A 195 -6.43 -17.06 -18.56
C ILE A 195 -5.98 -18.44 -19.07
N ASP B 29 -8.21 -40.76 -7.64
CA ASP B 29 -9.33 -39.89 -7.96
C ASP B 29 -9.28 -38.55 -7.25
N ALA B 30 -8.27 -38.31 -6.43
CA ALA B 30 -8.21 -37.06 -5.68
C ALA B 30 -8.03 -35.89 -6.65
N PRO B 31 -8.84 -34.85 -6.56
CA PRO B 31 -8.72 -33.75 -7.52
C PRO B 31 -7.47 -32.93 -7.23
N THR B 32 -6.93 -32.32 -8.27
CA THR B 32 -5.89 -31.33 -8.06
C THR B 32 -6.51 -29.98 -7.74
N VAL B 33 -5.79 -29.14 -7.00
CA VAL B 33 -6.28 -27.83 -6.61
C VAL B 33 -5.20 -26.81 -6.94
N ASN B 34 -5.52 -25.89 -7.85
CA ASN B 34 -4.58 -24.83 -8.19
C ASN B 34 -4.47 -23.84 -7.02
N ASP B 35 -3.36 -23.12 -6.98
CA ASP B 35 -3.05 -22.29 -5.82
C ASP B 35 -4.06 -21.16 -5.66
N VAL B 36 -4.52 -20.96 -4.42
CA VAL B 36 -5.59 -20.01 -4.09
C VAL B 36 -5.01 -18.89 -3.25
N THR B 37 -5.30 -17.65 -3.62
CA THR B 37 -4.94 -16.50 -2.78
C THR B 37 -6.18 -15.88 -2.16
N SER B 38 -5.95 -15.00 -1.18
CA SER B 38 -7.03 -14.24 -0.55
C SER B 38 -7.76 -13.30 -1.51
N ASP B 39 -7.22 -13.03 -2.68
CA ASP B 39 -7.88 -12.17 -3.66
C ASP B 39 -8.58 -12.97 -4.75
N ALA B 40 -8.44 -14.30 -4.77
CA ALA B 40 -9.07 -15.09 -5.81
C ALA B 40 -10.58 -15.09 -5.66
N THR B 41 -11.28 -15.24 -6.78
CA THR B 41 -12.73 -15.37 -6.77
C THR B 41 -13.20 -16.74 -7.24
N GLN B 42 -12.26 -17.64 -7.53
CA GLN B 42 -12.59 -18.99 -7.97
C GLN B 42 -11.48 -19.92 -7.52
N VAL B 43 -11.80 -21.21 -7.46
CA VAL B 43 -10.82 -22.26 -7.24
C VAL B 43 -10.89 -23.17 -8.46
N THR B 44 -9.75 -23.43 -9.08
CA THR B 44 -9.75 -24.26 -10.27
C THR B 44 -8.83 -25.46 -10.08
N GLY B 45 -9.03 -26.44 -10.95
CA GLY B 45 -8.19 -27.62 -10.89
C GLY B 45 -8.64 -28.66 -11.87
N GLN B 46 -8.20 -29.90 -11.64
CA GLN B 46 -8.56 -31.05 -12.44
C GLN B 46 -9.22 -32.12 -11.57
N ALA B 47 -10.23 -32.77 -12.13
CA ALA B 47 -10.92 -33.88 -11.48
C ALA B 47 -11.46 -34.79 -12.57
N GLU B 48 -12.03 -35.90 -12.16
CA GLU B 48 -12.63 -36.83 -13.10
C GLU B 48 -13.67 -36.10 -13.95
N PRO B 49 -13.66 -36.26 -15.28
CA PRO B 49 -14.61 -35.53 -16.11
C PRO B 49 -16.05 -35.75 -15.68
N ASN B 50 -16.80 -34.64 -15.64
CA ASN B 50 -18.22 -34.60 -15.31
C ASN B 50 -18.53 -35.03 -13.89
N SER B 51 -17.51 -35.17 -13.04
CA SER B 51 -17.75 -35.35 -11.62
C SER B 51 -18.17 -34.03 -10.99
N THR B 52 -18.79 -34.11 -9.82
CA THR B 52 -19.14 -32.92 -9.05
C THR B 52 -18.01 -32.65 -8.06
N VAL B 53 -17.38 -31.50 -8.18
CA VAL B 53 -16.29 -31.11 -7.32
C VAL B 53 -16.86 -30.24 -6.21
N LYS B 54 -16.51 -30.57 -4.98
CA LYS B 54 -17.02 -29.90 -3.80
C LYS B 54 -15.87 -29.29 -3.03
N LEU B 55 -15.98 -28.00 -2.78
CA LEU B 55 -15.01 -27.21 -2.04
C LEU B 55 -15.61 -26.93 -0.66
N THR B 56 -14.90 -27.31 0.39
CA THR B 56 -15.33 -27.09 1.77
C THR B 56 -14.38 -26.11 2.44
N PHE B 57 -14.95 -25.06 3.00
CA PHE B 57 -14.25 -23.99 3.70
C PHE B 57 -14.20 -24.28 5.20
N PRO B 58 -13.29 -23.64 5.93
CA PRO B 58 -13.18 -23.91 7.38
C PRO B 58 -14.47 -23.67 8.14
N ASP B 59 -15.32 -22.75 7.71
CA ASP B 59 -16.57 -22.47 8.39
C ASP B 59 -17.68 -23.45 8.05
N GLY B 60 -17.38 -24.52 7.32
CA GLY B 60 -18.38 -25.49 6.95
C GLY B 60 -19.13 -25.17 5.67
N THR B 61 -18.94 -23.97 5.12
CA THR B 61 -19.57 -23.64 3.85
C THR B 61 -19.00 -24.53 2.75
N THR B 62 -19.86 -24.87 1.78
CA THR B 62 -19.43 -25.65 0.64
C THR B 62 -19.82 -24.92 -0.63
N ALA B 63 -19.06 -25.18 -1.68
CA ALA B 63 -19.35 -24.65 -3.00
C ALA B 63 -19.09 -25.75 -4.00
N THR B 64 -19.84 -25.76 -5.10
CA THR B 64 -19.78 -26.87 -6.04
C THR B 64 -19.51 -26.42 -7.47
N GLY B 65 -18.92 -27.32 -8.24
CA GLY B 65 -18.73 -27.11 -9.66
C GLY B 65 -18.72 -28.46 -10.35
N THR B 66 -18.91 -28.45 -11.66
CA THR B 66 -18.86 -29.68 -12.44
C THR B 66 -17.58 -29.67 -13.26
N ALA B 67 -16.78 -30.74 -13.16
CA ALA B 67 -15.61 -30.84 -14.02
C ALA B 67 -16.06 -31.07 -15.46
N ASP B 68 -15.37 -30.43 -16.40
CA ASP B 68 -15.80 -30.51 -17.80
C ASP B 68 -15.30 -31.80 -18.45
N ASP B 69 -15.53 -31.93 -19.76
CA ASP B 69 -15.19 -33.17 -20.44
C ASP B 69 -13.69 -33.43 -20.48
N GLN B 70 -12.88 -32.40 -20.31
CA GLN B 70 -11.43 -32.56 -20.25
C GLN B 70 -10.94 -32.68 -18.82
N GLY B 71 -11.84 -32.63 -17.83
CA GLY B 71 -11.48 -32.77 -16.44
C GLY B 71 -11.17 -31.48 -15.73
N ASN B 72 -11.37 -30.34 -16.37
CA ASN B 72 -11.11 -29.05 -15.74
C ASN B 72 -12.35 -28.61 -14.96
N TYR B 73 -12.13 -28.10 -13.75
CA TYR B 73 -13.23 -27.55 -12.99
C TYR B 73 -12.90 -26.13 -12.56
N THR B 74 -13.97 -25.34 -12.42
CA THR B 74 -13.96 -24.02 -11.81
C THR B 74 -15.09 -23.97 -10.79
N ILE B 75 -14.79 -23.47 -9.59
CA ILE B 75 -15.78 -23.31 -8.53
C ILE B 75 -15.70 -21.87 -8.08
N ASP B 76 -16.82 -21.16 -8.15
CA ASP B 76 -16.82 -19.78 -7.67
C ASP B 76 -16.73 -19.77 -6.15
N ILE B 77 -15.86 -18.93 -5.61
CA ILE B 77 -15.81 -18.78 -4.16
C ILE B 77 -17.03 -17.96 -3.74
N PRO B 78 -17.86 -18.44 -2.82
CA PRO B 78 -19.02 -17.63 -2.42
C PRO B 78 -18.55 -16.29 -1.87
N SER B 79 -19.28 -15.23 -2.23
CA SER B 79 -18.87 -13.88 -1.82
C SER B 79 -18.91 -13.73 -0.31
N ASN B 80 -19.80 -14.46 0.38
CA ASN B 80 -19.83 -14.36 1.83
C ASN B 80 -18.66 -15.07 2.48
N VAL B 81 -17.84 -15.75 1.70
CA VAL B 81 -16.65 -16.39 2.20
C VAL B 81 -15.50 -15.46 1.83
N ASP B 82 -14.91 -14.83 2.83
CA ASP B 82 -13.78 -13.96 2.59
C ASP B 82 -12.57 -14.70 3.14
N LEU B 83 -11.74 -15.17 2.23
CA LEU B 83 -10.52 -15.86 2.61
C LEU B 83 -9.46 -14.79 2.82
N ASN B 84 -8.82 -14.81 3.98
CA ASN B 84 -7.81 -13.83 4.31
C ASN B 84 -6.40 -14.37 4.19
N GLY B 85 -6.26 -15.69 4.08
CA GLY B 85 -4.95 -16.30 4.08
C GLY B 85 -4.78 -17.22 5.27
N GLY B 86 -4.15 -18.37 5.04
CA GLY B 86 -3.94 -19.36 6.07
C GLY B 86 -5.02 -20.41 6.17
N GLU B 87 -6.21 -20.15 5.62
CA GLU B 87 -7.28 -21.13 5.64
C GLU B 87 -6.87 -22.39 4.89
N GLU B 88 -7.32 -23.54 5.40
CA GLU B 88 -7.19 -24.80 4.70
C GLU B 88 -8.53 -25.11 4.03
N LEU B 89 -8.50 -25.26 2.71
CA LEU B 89 -9.64 -25.66 1.91
C LEU B 89 -9.54 -27.15 1.61
N GLN B 90 -10.72 -27.76 1.50
CA GLN B 90 -10.83 -29.18 1.20
C GLN B 90 -11.57 -29.36 -0.12
N VAL B 91 -11.07 -30.20 -1.00
CA VAL B 91 -11.69 -30.38 -2.32
C VAL B 91 -11.84 -31.87 -2.58
N THR B 92 -13.09 -32.31 -2.80
CA THR B 92 -13.37 -33.69 -3.18
C THR B 92 -14.08 -33.71 -4.53
N ALA B 93 -14.14 -34.91 -5.13
CA ALA B 93 -14.85 -35.14 -6.36
C ALA B 93 -15.80 -36.32 -6.17
N THR B 94 -17.01 -36.21 -6.69
CA THR B 94 -18.03 -37.24 -6.55
C THR B 94 -18.54 -37.65 -7.92
N ASP B 95 -18.57 -38.96 -8.19
CA ASP B 95 -19.03 -39.44 -9.49
C ASP B 95 -20.55 -39.60 -9.51
N LYS B 96 -21.07 -40.01 -10.66
CA LYS B 96 -22.52 -40.13 -10.81
C LYS B 96 -23.11 -41.21 -9.90
N ASP B 97 -22.29 -42.11 -9.36
CA ASP B 97 -22.76 -43.16 -8.48
C ASP B 97 -22.68 -42.79 -7.01
N GLY B 98 -22.31 -41.55 -6.69
CA GLY B 98 -22.21 -41.16 -5.30
C GLY B 98 -20.91 -41.53 -4.62
N ASN B 99 -19.92 -42.03 -5.35
CA ASN B 99 -18.62 -42.32 -4.79
C ASN B 99 -17.82 -41.03 -4.70
N THR B 100 -17.30 -40.71 -3.52
CA THR B 100 -16.57 -39.48 -3.32
C THR B 100 -15.09 -39.79 -3.14
N SER B 101 -14.25 -39.05 -3.86
CA SER B 101 -12.80 -39.17 -3.80
C SER B 101 -12.26 -38.85 -2.40
N GLU B 102 -11.01 -39.23 -2.19
CA GLU B 102 -10.28 -38.69 -1.06
C GLU B 102 -10.12 -37.18 -1.24
N PRO B 103 -10.02 -36.43 -0.16
CA PRO B 103 -9.88 -34.98 -0.27
C PRO B 103 -8.46 -34.57 -0.62
N SER B 104 -8.38 -33.45 -1.32
CA SER B 104 -7.13 -32.71 -1.46
C SER B 104 -7.29 -31.41 -0.70
N SER B 105 -6.25 -30.93 -0.02
CA SER B 105 -6.39 -29.63 0.63
C SER B 105 -5.46 -28.64 -0.03
N ALA B 106 -5.83 -27.38 0.13
CA ALA B 106 -5.01 -26.28 -0.34
C ALA B 106 -5.02 -25.19 0.72
N ASN B 107 -3.88 -24.53 0.91
CA ASN B 107 -3.77 -23.46 1.89
C ASN B 107 -3.78 -22.12 1.18
N VAL B 108 -4.57 -21.18 1.71
CA VAL B 108 -4.80 -19.90 1.05
C VAL B 108 -3.63 -18.97 1.34
N THR B 109 -3.10 -18.35 0.28
CA THR B 109 -2.02 -17.37 0.42
C THR B 109 -2.60 -15.97 0.62
N ASP B 110 -2.12 -15.27 1.66
CA ASP B 110 -2.58 -13.91 1.97
C ASP B 110 -1.86 -12.91 1.07
N THR B 111 -2.59 -12.33 0.11
CA THR B 111 -2.07 -11.23 -0.71
C THR B 111 -2.88 -9.96 -0.53
N THR B 112 -3.67 -9.86 0.54
CA THR B 112 -4.56 -8.72 0.75
C THR B 112 -4.01 -7.83 1.85
N ALA B 113 -3.75 -6.57 1.53
CA ALA B 113 -3.22 -5.68 2.53
C ALA B 113 -4.29 -5.32 3.56
N PRO B 114 -3.88 -5.00 4.79
CA PRO B 114 -4.85 -4.48 5.78
C PRO B 114 -5.50 -3.21 5.28
N ASP B 115 -6.62 -2.87 5.91
CA ASP B 115 -7.22 -1.57 5.67
C ASP B 115 -6.29 -0.45 6.16
N ALA B 116 -6.50 0.74 5.64
CA ALA B 116 -5.74 1.88 6.13
C ALA B 116 -5.97 2.03 7.63
N PRO B 117 -4.92 2.30 8.40
CA PRO B 117 -5.11 2.47 9.86
C PRO B 117 -5.78 3.80 10.18
N THR B 118 -6.32 3.88 11.39
CA THR B 118 -6.74 5.16 11.92
C THR B 118 -5.63 5.75 12.77
N VAL B 119 -5.63 7.06 12.91
CA VAL B 119 -4.65 7.74 13.74
C VAL B 119 -5.34 8.84 14.52
N ASN B 120 -5.19 8.81 15.84
CA ASN B 120 -5.76 9.84 16.68
C ASN B 120 -4.99 11.14 16.51
N ASP B 121 -5.66 12.26 16.81
CA ASP B 121 -5.04 13.57 16.66
C ASP B 121 -3.72 13.65 17.43
N VAL B 122 -2.75 14.33 16.84
CA VAL B 122 -1.39 14.42 17.38
C VAL B 122 -1.07 15.89 17.56
N THR B 123 -0.79 16.31 18.79
CA THR B 123 -0.35 17.68 19.04
C THR B 123 1.17 17.76 18.98
N SER B 124 1.67 19.01 18.82
CA SER B 124 3.12 19.20 18.77
C SER B 124 3.80 18.84 20.07
N ASP B 125 3.05 18.71 21.16
CA ASP B 125 3.57 18.30 22.45
C ASP B 125 3.44 16.81 22.69
N ALA B 126 2.90 16.08 21.72
CA ALA B 126 2.60 14.66 21.94
C ALA B 126 3.88 13.87 22.17
N THR B 127 3.77 12.81 22.98
CA THR B 127 4.86 11.88 23.21
C THR B 127 4.64 10.52 22.58
N GLN B 128 3.43 10.27 22.08
CA GLN B 128 3.12 9.01 21.45
C GLN B 128 2.05 9.28 20.41
N VAL B 129 1.88 8.32 19.52
CA VAL B 129 0.81 8.33 18.53
C VAL B 129 -0.01 7.06 18.74
N THR B 130 -1.33 7.21 18.75
CA THR B 130 -2.19 6.05 18.96
C THR B 130 -3.23 5.96 17.86
N GLY B 131 -3.78 4.76 17.71
CA GLY B 131 -4.87 4.58 16.77
C GLY B 131 -5.27 3.13 16.68
N GLN B 132 -5.94 2.79 15.58
CA GLN B 132 -6.43 1.43 15.36
C GLN B 132 -5.89 0.87 14.06
N ALA B 133 -5.56 -0.42 14.07
CA ALA B 133 -5.09 -1.11 12.88
C ALA B 133 -5.47 -2.57 12.98
N GLU B 134 -5.25 -3.31 11.90
CA GLU B 134 -5.54 -4.72 11.89
C GLU B 134 -4.78 -5.42 13.02
N PRO B 135 -5.44 -6.23 13.83
CA PRO B 135 -4.74 -6.87 14.95
C PRO B 135 -3.46 -7.56 14.50
N ASN B 136 -2.41 -7.37 15.29
CA ASN B 136 -1.10 -7.99 15.12
C ASN B 136 -0.37 -7.51 13.87
N SER B 137 -0.90 -6.52 13.17
CA SER B 137 -0.15 -5.90 12.09
C SER B 137 0.95 -4.99 12.67
N THR B 138 1.97 -4.73 11.86
CA THR B 138 2.98 -3.74 12.21
C THR B 138 2.60 -2.38 11.64
N VAL B 139 2.49 -1.41 12.54
CA VAL B 139 2.12 -0.05 12.20
C VAL B 139 3.41 0.75 12.13
N LYS B 140 3.59 1.44 11.01
CA LYS B 140 4.80 2.20 10.75
C LYS B 140 4.40 3.66 10.67
N LEU B 141 4.98 4.47 11.55
CA LEU B 141 4.82 5.92 11.55
C LEU B 141 5.99 6.53 10.81
N THR B 142 5.70 7.34 9.80
CA THR B 142 6.71 8.10 9.07
C THR B 142 6.60 9.56 9.47
N PHE B 143 7.66 10.04 10.10
CA PHE B 143 7.80 11.44 10.50
C PHE B 143 8.11 12.29 9.28
N PRO B 144 7.91 13.61 9.37
CA PRO B 144 8.03 14.45 8.16
C PRO B 144 9.44 14.58 7.63
N ASP B 145 10.46 14.15 8.38
CA ASP B 145 11.81 14.09 7.84
C ASP B 145 12.13 12.73 7.21
N GLY B 146 11.15 11.84 7.14
CA GLY B 146 11.36 10.55 6.54
C GLY B 146 11.78 9.45 7.47
N THR B 147 12.14 9.76 8.72
CA THR B 147 12.46 8.71 9.67
C THR B 147 11.17 8.08 10.20
N THR B 148 11.32 6.93 10.83
CA THR B 148 10.16 6.11 11.18
C THR B 148 10.24 5.59 12.60
N ALA B 149 9.08 5.13 13.08
CA ALA B 149 8.96 4.42 14.34
C ALA B 149 7.90 3.35 14.13
N THR B 150 7.97 2.26 14.89
CA THR B 150 7.07 1.13 14.67
C THR B 150 6.37 0.71 15.95
N GLY B 151 5.21 0.07 15.78
CA GLY B 151 4.49 -0.54 16.88
C GLY B 151 3.65 -1.69 16.36
N THR B 152 3.20 -2.55 17.27
CA THR B 152 2.32 -3.67 16.88
C THR B 152 0.91 -3.40 17.39
N ALA B 153 -0.08 -3.56 16.52
CA ALA B 153 -1.46 -3.44 16.94
C ALA B 153 -1.84 -4.65 17.79
N ASP B 154 -2.54 -4.41 18.90
CA ASP B 154 -2.85 -5.49 19.83
C ASP B 154 -4.08 -6.28 19.40
N ASP B 155 -4.59 -7.11 20.33
CA ASP B 155 -5.68 -8.02 20.03
C ASP B 155 -6.98 -7.30 19.71
N GLN B 156 -7.14 -6.09 20.22
CA GLN B 156 -8.30 -5.26 19.91
C GLN B 156 -8.05 -4.37 18.71
N GLY B 157 -6.87 -4.44 18.11
CA GLY B 157 -6.51 -3.57 17.00
C GLY B 157 -5.97 -2.23 17.41
N ASN B 158 -5.72 -2.01 18.69
CA ASN B 158 -5.16 -0.74 19.15
C ASN B 158 -3.64 -0.74 19.06
N TYR B 159 -3.08 0.39 18.65
CA TYR B 159 -1.63 0.56 18.66
C TYR B 159 -1.27 1.87 19.35
N THR B 160 -0.06 1.85 19.91
CA THR B 160 0.61 2.98 20.54
C THR B 160 2.07 2.93 20.11
N ILE B 161 2.57 4.03 19.57
CA ILE B 161 3.95 4.11 19.11
C ILE B 161 4.59 5.30 19.81
N ASP B 162 5.71 5.05 20.49
CA ASP B 162 6.42 6.13 21.18
C ASP B 162 7.14 7.00 20.16
N ILE B 163 7.06 8.31 20.37
CA ILE B 163 7.79 9.23 19.51
C ILE B 163 9.21 9.31 20.04
N PRO B 164 10.21 9.02 19.20
CA PRO B 164 11.61 9.13 19.64
C PRO B 164 11.92 10.52 20.17
N SER B 165 12.76 10.57 21.21
CA SER B 165 13.01 11.85 21.85
C SER B 165 13.83 12.81 21.01
N ASN B 166 14.47 12.32 19.94
CA ASN B 166 15.20 13.22 19.06
C ASN B 166 14.35 13.73 17.91
N VAL B 167 13.07 13.36 17.88
CA VAL B 167 12.12 13.83 16.89
C VAL B 167 11.34 14.99 17.48
N ASP B 168 11.40 16.14 16.83
CA ASP B 168 10.69 17.34 17.25
C ASP B 168 9.48 17.53 16.34
N LEU B 169 8.29 17.44 16.91
CA LEU B 169 7.06 17.63 16.14
C LEU B 169 6.61 19.07 16.21
N ASN B 170 6.20 19.60 15.07
CA ASN B 170 5.77 20.99 14.98
C ASN B 170 4.40 21.05 14.32
N GLY B 171 3.57 21.96 14.81
CA GLY B 171 2.26 22.17 14.25
C GLY B 171 2.32 22.40 12.75
N GLY B 172 1.46 21.71 12.00
CA GLY B 172 1.42 21.86 10.56
C GLY B 172 2.22 20.85 9.79
N GLU B 173 3.11 20.12 10.44
CA GLU B 173 3.82 19.03 9.80
C GLU B 173 2.88 17.83 9.60
N GLU B 174 3.16 17.02 8.59
CA GLU B 174 2.34 15.85 8.32
C GLU B 174 2.97 14.59 8.91
N LEU B 175 2.13 13.74 9.49
CA LEU B 175 2.51 12.41 9.95
C LEU B 175 1.80 11.40 9.07
N GLN B 176 2.45 10.25 8.84
CA GLN B 176 1.83 9.23 8.02
C GLN B 176 1.93 7.89 8.72
N VAL B 177 0.89 7.07 8.61
CA VAL B 177 0.83 5.78 9.27
C VAL B 177 0.41 4.73 8.24
N THR B 178 1.11 3.59 8.22
CA THR B 178 0.69 2.43 7.44
C THR B 178 0.67 1.19 8.32
N ALA B 179 -0.05 0.17 7.85
CA ALA B 179 -0.14 -1.12 8.53
C ALA B 179 0.21 -2.26 7.59
N THR B 180 1.06 -3.17 8.05
CA THR B 180 1.57 -4.28 7.24
C THR B 180 1.31 -5.60 7.95
N ASP B 181 0.78 -6.58 7.22
CA ASP B 181 0.50 -7.89 7.81
C ASP B 181 1.75 -8.78 7.76
N LYS B 182 1.61 -9.98 8.30
CA LYS B 182 2.77 -10.92 8.38
C LYS B 182 3.27 -11.36 7.00
N ASP B 183 2.48 -11.21 5.95
CA ASP B 183 2.93 -11.59 4.62
C ASP B 183 3.50 -10.41 3.84
N GLY B 184 3.67 -9.27 4.50
CA GLY B 184 4.29 -8.12 3.87
C GLY B 184 3.36 -7.26 3.07
N ASN B 185 2.05 -7.49 3.14
CA ASN B 185 1.10 -6.68 2.40
C ASN B 185 0.87 -5.37 3.15
N THR B 186 1.14 -4.24 2.51
CA THR B 186 1.12 -2.95 3.19
C THR B 186 -0.13 -2.16 2.80
N SER B 187 -0.84 -1.67 3.83
CA SER B 187 -2.04 -0.85 3.69
C SER B 187 -1.78 0.44 2.92
N GLU B 188 -2.85 1.01 2.40
CA GLU B 188 -2.87 2.43 2.07
C GLU B 188 -2.45 3.23 3.29
N SER B 189 -1.83 4.38 3.05
CA SER B 189 -1.41 5.23 4.15
C SER B 189 -2.57 6.07 4.67
N THR B 190 -2.45 6.48 5.94
CA THR B 190 -3.33 7.46 6.54
C THR B 190 -2.48 8.62 7.03
N ASN B 191 -2.88 9.85 6.69
CA ASN B 191 -2.15 11.04 7.09
C ASN B 191 -2.89 11.79 8.19
N THR B 192 -2.12 12.50 9.01
CA THR B 192 -2.73 13.46 9.93
C THR B 192 -1.78 14.64 10.08
N THR B 193 -2.34 15.82 10.35
CA THR B 193 -1.55 17.03 10.48
C THR B 193 -1.37 17.34 11.96
N ILE B 194 -0.10 17.54 12.36
CA ILE B 194 0.20 17.89 13.75
C ILE B 194 -0.49 19.18 14.14
N ILE B 195 -1.09 19.19 15.32
CA ILE B 195 -1.79 20.35 15.84
C ILE B 195 -0.85 21.13 16.77
CA CA C . 6.21 8.73 -4.28
CA CA D . -3.76 -9.75 4.86
#